data_8P6Z
#
_entry.id   8P6Z
#
_cell.length_a   1.00
_cell.length_b   1.00
_cell.length_c   1.00
_cell.angle_alpha   90.00
_cell.angle_beta   90.00
_cell.angle_gamma   90.00
#
_symmetry.space_group_name_H-M   'P 1'
#
loop_
_entity.id
_entity.type
_entity.pdbx_description
1 polymer 'CDK-activating kinase assembly factor MAT1'
2 polymer Cyclin-H
3 polymer 'Cyclin-dependent kinase 7'
4 non-polymer N7-(phenylmethyl)-3-propan-2-yl-N5-[(3R)-pyrrolidin-3-yl]pyrazolo[1,5-a]pyrimidine-5,7-diamine
5 water water
#
loop_
_entity_poly.entity_id
_entity_poly.type
_entity_poly.pdbx_seq_one_letter_code
_entity_poly.pdbx_strand_id
1 'polypeptide(L)'
;SNAPVTFSTGIKMGQHISLAPIHKLEEALYEYQPLQIETYGPHVPELEMLGRLGYLNHVRAASPQDLAGGYTSSLACHRA
LQDAFSGLFWQPS
;
H
2 'polypeptide(L)'
;(ACE)MYHNSSQKRHWTFSSEEQLARLRADANRKFRCKAVANGKVLPNDPVFLEPHEEMTLCKYYEKRLLEFCSVFKPAM
PRSVVGTACMYFKRFYLNNSVMEYHPRIIMLTCAFLACKVDEFNVSSPQFVGNLRESPLGQEKALEQILEYELLLIQQLN
FHLIVHNPYRPFEGFLIDLKTRYPILENPEILRKTADDFLNRIALTDAYLLYTPSQIALTAILSSASRAGITMESYLSES
LMLKENRTCLSQLLDIMKSMRNLVKKYEPPRSEEVAVLKQKLERCHSAELALNVITKKRKGYEDDDYVSKKSKHEEEEWT
DDDLVESL
;
I
3 'polypeptide(L)'
;SNAMALDVKSRAKRYEKLDFLGEGQFATVYKARDKNTNQIVAIKKIKLGHRSEAKDGINRTALREIKLLQELSHPNIIGL
LDAFGHKSNISLVFDFMETDLEVIIKDNSLVLTPSHIKAYMLMTLQGLEYLHQHWILHRDLKPNNLLLDENGVLKLADFG
LAKSFGSPNRAYTHQVVTRWYRAPELLFGARMYGVGVDMWAVGCILAELLLRVPFLPGDSDLDQLTRIFETLGTPTEEQW
PDMCSLPDYVTFKSFPGIPLHHIFSAAGDDLLDLIQGLFLFNPCARITATQALKMKYFSNRPGPTPGCQLPRPNCPVETL
KEQSNPALAIKRKRTEALEQGGLPKKLIF
;
J
#
# COMPACT_ATOMS: atom_id res chain seq x y z
CA ALA A 28 -9.65 -34.00 1.40
C ALA A 28 -8.25 -33.49 1.71
N LEU A 29 -7.35 -33.63 0.74
CA LEU A 29 -5.98 -33.16 0.89
C LEU A 29 -5.91 -31.66 0.65
N TYR A 30 -4.69 -31.13 0.61
CA TYR A 30 -4.43 -29.77 0.15
C TYR A 30 -3.32 -29.81 -0.89
N GLU A 31 -3.51 -29.04 -1.96
CA GLU A 31 -2.50 -28.90 -3.00
C GLU A 31 -2.26 -27.42 -3.23
N TYR A 32 -1.00 -27.02 -3.26
CA TYR A 32 -0.68 -25.62 -3.50
C TYR A 32 -1.02 -25.24 -4.94
N GLN A 33 -1.69 -24.11 -5.11
CA GLN A 33 -1.93 -23.52 -6.41
C GLN A 33 -1.49 -22.06 -6.34
N PRO A 34 -0.63 -21.61 -7.26
CA PRO A 34 -0.21 -20.21 -7.24
C PRO A 34 -1.40 -19.28 -7.48
N LEU A 35 -1.29 -18.08 -6.93
CA LEU A 35 -2.38 -17.12 -7.04
C LEU A 35 -2.50 -16.63 -8.48
N GLN A 36 -3.74 -16.60 -8.99
CA GLN A 36 -4.01 -16.23 -10.37
C GLN A 36 -4.53 -14.80 -10.38
N ILE A 37 -3.61 -13.86 -10.55
CA ILE A 37 -3.93 -12.44 -10.58
C ILE A 37 -3.46 -11.87 -11.91
N GLU A 38 -4.41 -11.40 -12.71
CA GLU A 38 -4.06 -10.83 -14.02
C GLU A 38 -3.42 -9.47 -13.84
N THR A 39 -2.23 -9.30 -14.40
CA THR A 39 -1.49 -8.04 -14.30
C THR A 39 -1.65 -7.15 -15.52
N TYR A 40 -2.25 -7.65 -16.60
CA TYR A 40 -2.51 -6.87 -17.81
C TYR A 40 -1.22 -6.23 -18.35
N GLY A 41 -0.13 -6.98 -18.29
CA GLY A 41 1.14 -6.48 -18.75
C GLY A 41 2.15 -7.58 -19.01
N PRO A 42 3.38 -7.19 -19.37
CA PRO A 42 4.41 -8.18 -19.67
C PRO A 42 4.74 -9.03 -18.45
N HIS A 43 5.19 -10.26 -18.72
CA HIS A 43 5.52 -11.19 -17.65
C HIS A 43 6.72 -10.69 -16.84
N VAL A 44 6.60 -10.78 -15.53
CA VAL A 44 7.65 -10.37 -14.60
C VAL A 44 8.50 -11.59 -14.26
N PRO A 45 9.81 -11.54 -14.43
CA PRO A 45 10.65 -12.68 -14.04
C PRO A 45 10.58 -12.92 -12.53
N GLU A 46 10.72 -14.18 -12.15
CA GLU A 46 10.60 -14.54 -10.74
C GLU A 46 11.72 -13.91 -9.92
N LEU A 47 11.46 -13.78 -8.62
CA LEU A 47 12.35 -13.02 -7.74
C LEU A 47 13.75 -13.61 -7.73
N GLU A 48 13.85 -14.92 -7.43
CA GLU A 48 15.15 -15.56 -7.28
C GLU A 48 15.92 -15.66 -8.59
N MET A 49 15.26 -15.42 -9.73
CA MET A 49 15.95 -15.39 -11.01
C MET A 49 16.55 -14.04 -11.34
N LEU A 50 16.19 -12.98 -10.61
CA LEU A 50 16.63 -11.63 -10.99
C LEU A 50 18.14 -11.55 -11.06
N GLY A 51 18.83 -12.00 -10.01
CA GLY A 51 20.29 -11.98 -10.03
C GLY A 51 20.86 -12.77 -11.20
N ARG A 52 20.24 -13.91 -11.52
CA ARG A 52 20.71 -14.72 -12.62
C ARG A 52 20.50 -14.03 -13.96
N LEU A 53 19.49 -13.16 -14.04
CA LEU A 53 19.14 -12.54 -15.32
C LEU A 53 19.80 -11.19 -15.52
N GLY A 54 20.63 -10.73 -14.58
CA GLY A 54 21.34 -9.48 -14.73
C GLY A 54 20.61 -8.25 -14.22
N TYR A 55 19.38 -8.40 -13.72
CA TYR A 55 18.63 -7.24 -13.24
C TYR A 55 19.31 -6.60 -12.05
N LEU A 56 19.80 -7.41 -11.10
CA LEU A 56 20.32 -6.88 -9.85
C LEU A 56 21.54 -6.01 -10.04
N ASN A 57 22.21 -6.10 -11.19
CA ASN A 57 23.36 -5.25 -11.46
C ASN A 57 22.96 -3.80 -11.72
N HIS A 58 21.66 -3.50 -11.77
CA HIS A 58 21.19 -2.13 -12.01
C HIS A 58 20.35 -1.60 -10.86
N VAL A 59 20.42 -2.24 -9.69
CA VAL A 59 19.77 -1.76 -8.49
C VAL A 59 20.82 -1.65 -7.38
N ARG A 60 20.54 -0.75 -6.43
CA ARG A 60 21.48 -0.51 -5.34
C ARG A 60 21.64 -1.75 -4.47
N ALA A 61 22.88 -2.10 -4.16
CA ALA A 61 23.15 -3.25 -3.31
C ALA A 61 22.69 -2.96 -1.87
N ALA A 62 22.06 -3.96 -1.26
CA ALA A 62 21.63 -3.83 0.12
C ALA A 62 22.82 -3.77 1.06
N SER A 63 22.72 -2.91 2.09
CA SER A 63 23.76 -2.79 3.09
C SER A 63 23.75 -4.02 4.00
N PRO A 64 24.85 -4.28 4.71
CA PRO A 64 24.86 -5.44 5.63
C PRO A 64 23.73 -5.41 6.65
N GLN A 65 23.36 -4.23 7.16
CA GLN A 65 22.19 -4.13 8.01
C GLN A 65 20.93 -4.56 7.26
N ASP A 66 20.84 -4.21 5.98
CA ASP A 66 19.67 -4.57 5.17
C ASP A 66 19.51 -6.09 5.09
N LEU A 67 20.59 -6.79 4.72
CA LEU A 67 20.52 -8.25 4.68
C LEU A 67 20.27 -8.83 6.06
N ALA A 68 20.85 -8.21 7.11
CA ALA A 68 20.63 -8.71 8.46
C ALA A 68 19.16 -8.66 8.84
N GLY A 69 18.48 -7.58 8.47
CA GLY A 69 17.05 -7.50 8.71
C GLY A 69 16.18 -8.29 7.76
N GLY A 70 16.75 -8.76 6.65
CA GLY A 70 16.01 -9.50 5.65
C GLY A 70 15.77 -8.76 4.35
N TYR A 71 16.17 -7.49 4.26
CA TYR A 71 15.96 -6.71 3.05
C TYR A 71 17.08 -6.98 2.06
N THR A 72 16.71 -7.36 0.84
CA THR A 72 17.65 -7.57 -0.25
C THR A 72 17.31 -6.63 -1.39
N SER A 73 18.32 -6.32 -2.21
CA SER A 73 18.09 -5.50 -3.40
C SER A 73 17.12 -6.17 -4.36
N SER A 74 17.04 -7.50 -4.31
CA SER A 74 16.12 -8.23 -5.16
C SER A 74 14.68 -7.81 -4.91
N LEU A 75 14.34 -7.51 -3.66
CA LEU A 75 12.98 -7.06 -3.34
C LEU A 75 12.64 -5.76 -4.06
N ALA A 76 13.54 -4.77 -3.96
CA ALA A 76 13.29 -3.49 -4.61
C ALA A 76 13.23 -3.65 -6.12
N CYS A 77 14.14 -4.45 -6.68
CA CYS A 77 14.12 -4.67 -8.14
C CYS A 77 12.82 -5.32 -8.58
N HIS A 78 12.38 -6.35 -7.85
CA HIS A 78 11.16 -7.05 -8.22
C HIS A 78 9.94 -6.14 -8.12
N ARG A 79 9.88 -5.34 -7.06
CA ARG A 79 8.76 -4.40 -6.91
C ARG A 79 8.75 -3.38 -8.04
N ALA A 80 9.93 -2.85 -8.40
CA ALA A 80 10.00 -1.88 -9.47
C ALA A 80 9.55 -2.48 -10.80
N LEU A 81 10.00 -3.71 -11.09
CA LEU A 81 9.59 -4.36 -12.34
C LEU A 81 8.09 -4.64 -12.35
N GLN A 82 7.55 -5.12 -11.23
CA GLN A 82 6.12 -5.42 -11.16
C GLN A 82 5.29 -4.16 -11.37
N ASP A 83 5.73 -3.03 -10.82
CA ASP A 83 5.00 -1.78 -11.06
C ASP A 83 5.20 -1.29 -12.49
N ALA A 84 6.37 -1.53 -13.08
CA ALA A 84 6.60 -1.12 -14.46
C ALA A 84 5.72 -1.89 -15.44
N PHE A 85 5.43 -3.15 -15.14
CA PHE A 85 4.68 -3.97 -16.08
C PHE A 85 3.19 -4.07 -15.75
N SER A 86 2.76 -3.62 -14.59
CA SER A 86 1.37 -3.75 -14.19
C SER A 86 0.47 -2.87 -15.06
N GLY A 87 -0.56 -3.49 -15.66
CA GLY A 87 -1.57 -2.77 -16.42
C GLY A 87 -1.05 -2.02 -17.63
N LEU A 88 0.09 -2.44 -18.18
CA LEU A 88 0.61 -1.74 -19.37
C LEU A 88 -0.29 -1.94 -20.58
N PHE A 89 -0.93 -3.10 -20.70
CA PHE A 89 -1.80 -3.40 -21.82
C PHE A 89 -3.27 -3.17 -21.51
N TRP A 90 -3.59 -2.62 -20.35
CA TRP A 90 -4.98 -2.42 -19.96
C TRP A 90 -5.55 -1.16 -20.58
N GLN A 91 -6.80 -1.25 -21.03
CA GLN A 91 -7.54 -0.12 -21.57
C GLN A 91 -8.76 0.16 -20.70
N PRO A 92 -8.97 1.42 -20.28
CA PRO A 92 -10.12 1.84 -19.49
C PRO A 92 -11.45 1.56 -20.18
N MET B 2 -1.23 -3.13 -5.66
CA MET B 2 -0.83 -3.17 -7.06
C MET B 2 -1.87 -2.51 -7.94
N TYR B 3 -1.42 -1.87 -9.03
CA TYR B 3 -2.34 -1.12 -9.87
C TYR B 3 -3.38 -2.02 -10.52
N HIS B 4 -2.98 -3.22 -10.95
CA HIS B 4 -3.86 -4.07 -11.76
C HIS B 4 -5.10 -4.54 -11.01
N ASN B 5 -5.16 -4.39 -9.69
CA ASN B 5 -6.38 -4.61 -8.94
C ASN B 5 -6.66 -3.47 -7.98
N SER B 6 -6.21 -2.27 -8.34
CA SER B 6 -6.31 -1.10 -7.47
C SER B 6 -7.66 -0.40 -7.64
N SER B 7 -7.96 0.50 -6.69
CA SER B 7 -9.11 1.36 -6.84
C SER B 7 -8.89 2.43 -7.90
N GLN B 8 -7.63 2.82 -8.12
CA GLN B 8 -7.32 3.80 -9.15
C GLN B 8 -7.69 3.28 -10.53
N LYS B 9 -7.41 2.00 -10.81
CA LYS B 9 -7.75 1.41 -12.09
C LYS B 9 -9.25 1.17 -12.21
N ARG B 10 -9.86 0.66 -11.15
CA ARG B 10 -11.25 0.24 -11.21
C ARG B 10 -12.23 1.41 -11.19
N HIS B 11 -11.90 2.51 -10.50
CA HIS B 11 -12.84 3.59 -10.28
C HIS B 11 -12.38 4.95 -10.79
N TRP B 12 -11.08 5.17 -10.98
CA TRP B 12 -10.60 6.52 -11.28
C TRP B 12 -9.74 6.56 -12.55
N THR B 13 -9.91 5.60 -13.44
CA THR B 13 -9.34 5.66 -14.78
C THR B 13 -10.49 5.66 -15.77
N PHE B 14 -10.63 6.76 -16.51
CA PHE B 14 -11.81 6.99 -17.33
C PHE B 14 -11.49 6.79 -18.80
N SER B 15 -12.55 6.54 -19.58
CA SER B 15 -12.40 6.10 -20.96
C SER B 15 -12.01 7.24 -21.91
N SER B 16 -12.46 8.47 -21.65
CA SER B 16 -12.23 9.53 -22.61
C SER B 16 -12.30 10.87 -21.90
N GLU B 17 -11.78 11.90 -22.58
CA GLU B 17 -11.91 13.27 -22.10
C GLU B 17 -13.37 13.73 -22.08
N GLU B 18 -14.21 13.13 -22.93
CA GLU B 18 -15.63 13.46 -22.91
C GLU B 18 -16.27 13.09 -21.58
N GLN B 19 -15.89 11.93 -21.03
CA GLN B 19 -16.41 11.53 -19.72
C GLN B 19 -16.00 12.51 -18.63
N LEU B 20 -14.74 12.96 -18.65
CA LEU B 20 -14.27 13.91 -17.66
C LEU B 20 -15.00 15.25 -17.79
N ALA B 21 -15.17 15.72 -19.02
CA ALA B 21 -15.90 16.96 -19.24
C ALA B 21 -17.35 16.83 -18.78
N ARG B 22 -17.96 15.67 -19.01
CA ARG B 22 -19.32 15.44 -18.54
C ARG B 22 -19.40 15.50 -17.02
N LEU B 23 -18.44 14.87 -16.33
CA LEU B 23 -18.45 14.92 -14.86
C LEU B 23 -18.27 16.35 -14.35
N ARG B 24 -17.33 17.10 -14.94
CA ARG B 24 -17.09 18.46 -14.49
C ARG B 24 -18.28 19.37 -14.77
N ALA B 25 -18.90 19.22 -15.94
CA ALA B 25 -20.10 20.00 -16.27
C ALA B 25 -21.25 19.64 -15.35
N ASP B 26 -21.39 18.37 -15.00
CA ASP B 26 -22.43 17.97 -14.05
C ASP B 26 -22.20 18.61 -12.70
N ALA B 27 -20.95 18.64 -12.23
CA ALA B 27 -20.65 19.29 -10.96
C ALA B 27 -21.00 20.77 -11.01
N ASN B 28 -20.58 21.45 -12.07
CA ASN B 28 -20.86 22.88 -12.20
C ASN B 28 -22.35 23.17 -12.23
N ARG B 29 -23.11 22.38 -13.00
CA ARG B 29 -24.54 22.60 -13.12
C ARG B 29 -25.25 22.27 -11.82
N LYS B 30 -24.81 21.23 -11.10
CA LYS B 30 -25.42 20.90 -9.82
C LYS B 30 -25.17 22.01 -8.81
N PHE B 31 -23.98 22.60 -8.79
CA PHE B 31 -23.77 23.73 -7.90
C PHE B 31 -24.64 24.92 -8.31
N ARG B 32 -24.78 25.15 -9.61
CA ARG B 32 -25.65 26.24 -10.06
C ARG B 32 -27.08 26.04 -9.58
N CYS B 33 -27.58 24.81 -9.68
CA CYS B 33 -28.93 24.51 -9.21
C CYS B 33 -29.04 24.70 -7.69
N LYS B 34 -28.04 24.25 -6.95
CA LYS B 34 -28.05 24.44 -5.50
C LYS B 34 -28.07 25.92 -5.14
N ALA B 35 -27.28 26.73 -5.84
CA ALA B 35 -27.20 28.15 -5.53
C ALA B 35 -28.50 28.86 -5.88
N VAL B 36 -29.10 28.54 -7.03
CA VAL B 36 -30.36 29.20 -7.38
C VAL B 36 -31.47 28.73 -6.44
N ALA B 37 -31.37 27.50 -5.92
CA ALA B 37 -32.33 27.07 -4.91
C ALA B 37 -32.11 27.80 -3.58
N ASN B 38 -30.86 28.16 -3.28
CA ASN B 38 -30.59 28.93 -2.07
C ASN B 38 -31.21 30.33 -2.15
N GLY B 39 -31.11 30.97 -3.30
CA GLY B 39 -31.68 32.30 -3.48
C GLY B 39 -33.19 32.31 -3.62
N ASP B 45 -26.67 34.47 -14.61
CA ASP B 45 -26.02 35.18 -13.52
C ASP B 45 -24.51 35.21 -13.75
N PRO B 46 -23.96 36.40 -13.98
CA PRO B 46 -22.52 36.50 -14.31
C PRO B 46 -21.60 36.07 -13.19
N VAL B 47 -22.09 35.98 -11.95
CA VAL B 47 -21.21 35.57 -10.86
C VAL B 47 -20.80 34.11 -11.02
N PHE B 48 -21.65 33.28 -11.64
CA PHE B 48 -21.36 31.88 -11.83
C PHE B 48 -20.16 31.71 -12.77
N LEU B 49 -19.43 30.60 -12.58
CA LEU B 49 -18.31 30.25 -13.43
C LEU B 49 -18.75 29.18 -14.42
N GLU B 50 -18.27 29.32 -15.66
CA GLU B 50 -18.48 28.28 -16.66
C GLU B 50 -17.47 27.15 -16.45
N PRO B 51 -17.80 25.93 -16.89
CA PRO B 51 -16.90 24.79 -16.62
C PRO B 51 -15.49 24.99 -17.14
N HIS B 52 -15.31 25.68 -18.28
CA HIS B 52 -13.96 25.94 -18.76
C HIS B 52 -13.21 26.88 -17.83
N GLU B 53 -13.92 27.85 -17.24
CA GLU B 53 -13.30 28.71 -16.23
C GLU B 53 -12.92 27.91 -14.99
N GLU B 54 -13.78 26.97 -14.58
CA GLU B 54 -13.45 26.09 -13.46
C GLU B 54 -12.21 25.28 -13.77
N MET B 55 -12.08 24.78 -15.01
CA MET B 55 -10.90 24.03 -15.40
C MET B 55 -9.65 24.90 -15.35
N THR B 56 -9.75 26.14 -15.82
CA THR B 56 -8.59 27.05 -15.78
C THR B 56 -8.16 27.31 -14.34
N LEU B 57 -9.13 27.54 -13.44
CA LEU B 57 -8.79 27.78 -12.04
C LEU B 57 -8.21 26.53 -11.40
N CYS B 58 -8.75 25.35 -11.72
CA CYS B 58 -8.24 24.10 -11.18
C CYS B 58 -6.80 23.87 -11.63
N LYS B 59 -6.50 24.21 -12.88
CA LYS B 59 -5.11 24.09 -13.35
C LYS B 59 -4.21 25.06 -12.60
N TYR B 60 -4.64 26.32 -12.46
CA TYR B 60 -3.83 27.29 -11.73
C TYR B 60 -3.53 26.80 -10.32
N TYR B 61 -4.53 26.26 -9.64
CA TYR B 61 -4.32 25.80 -8.28
C TYR B 61 -3.60 24.45 -8.20
N GLU B 62 -3.63 23.66 -9.27
CA GLU B 62 -2.77 22.47 -9.31
C GLU B 62 -1.30 22.87 -9.38
N LYS B 63 -0.96 23.86 -10.21
CA LYS B 63 0.41 24.36 -10.17
C LYS B 63 0.72 25.06 -8.84
N ARG B 64 -0.27 25.69 -8.21
CA ARG B 64 -0.04 26.22 -6.87
C ARG B 64 0.28 25.12 -5.87
N LEU B 65 -0.43 23.99 -5.97
CA LEU B 65 -0.15 22.85 -5.10
C LEU B 65 1.24 22.29 -5.37
N LEU B 66 1.64 22.23 -6.65
CA LEU B 66 3.00 21.82 -7.00
C LEU B 66 4.02 22.73 -6.35
N GLU B 67 3.82 24.05 -6.44
CA GLU B 67 4.77 24.98 -5.84
C GLU B 67 4.82 24.85 -4.33
N PHE B 68 3.67 24.65 -3.70
CA PHE B 68 3.64 24.46 -2.24
C PHE B 68 4.42 23.20 -1.85
N CYS B 69 4.19 22.09 -2.57
CA CYS B 69 4.88 20.85 -2.25
C CYS B 69 6.36 20.90 -2.58
N SER B 70 6.78 21.76 -3.51
CA SER B 70 8.18 21.79 -3.92
C SER B 70 9.07 22.47 -2.88
N VAL B 71 8.55 23.44 -2.15
CA VAL B 71 9.33 24.15 -1.14
C VAL B 71 8.98 23.68 0.27
N PHE B 72 8.32 22.54 0.40
CA PHE B 72 7.86 22.05 1.70
C PHE B 72 9.03 21.48 2.48
N LYS B 73 9.29 22.04 3.67
CA LYS B 73 10.27 21.51 4.60
C LYS B 73 9.54 20.81 5.74
N PRO B 74 9.88 19.55 6.06
CA PRO B 74 10.92 18.70 5.45
C PRO B 74 10.57 18.27 4.04
N ALA B 75 11.58 17.89 3.24
CA ALA B 75 11.37 17.63 1.82
C ALA B 75 10.27 16.61 1.61
N MET B 76 9.30 16.98 0.77
CA MET B 76 8.19 16.08 0.47
C MET B 76 8.65 15.03 -0.53
N PRO B 77 8.45 13.74 -0.24
CA PRO B 77 8.71 12.72 -1.27
C PRO B 77 7.83 12.93 -2.47
N ARG B 78 8.37 12.64 -3.65
CA ARG B 78 7.66 12.88 -4.91
C ARG B 78 6.37 12.06 -4.99
N SER B 79 6.35 10.91 -4.33
CA SER B 79 5.12 10.12 -4.27
C SER B 79 4.01 10.87 -3.54
N VAL B 80 4.36 11.59 -2.47
CA VAL B 80 3.37 12.38 -1.75
C VAL B 80 2.80 13.48 -2.64
N VAL B 81 3.67 14.15 -3.39
CA VAL B 81 3.22 15.21 -4.29
C VAL B 81 2.29 14.66 -5.37
N GLY B 82 2.66 13.51 -5.95
CA GLY B 82 1.79 12.88 -6.93
C GLY B 82 0.45 12.50 -6.35
N THR B 83 0.45 11.94 -5.14
CA THR B 83 -0.80 11.59 -4.47
C THR B 83 -1.67 12.83 -4.24
N ALA B 84 -1.06 13.92 -3.79
CA ALA B 84 -1.82 15.14 -3.53
C ALA B 84 -2.43 15.72 -4.81
N CYS B 85 -1.64 15.75 -5.89
CA CYS B 85 -2.16 16.26 -7.16
C CYS B 85 -3.28 15.38 -7.70
N MET B 86 -3.13 14.06 -7.57
CA MET B 86 -4.21 13.16 -7.99
C MET B 86 -5.45 13.37 -7.13
N TYR B 87 -5.26 13.63 -5.83
CA TYR B 87 -6.37 13.95 -4.95
C TYR B 87 -7.10 15.19 -5.44
N PHE B 88 -6.34 16.23 -5.81
CA PHE B 88 -6.94 17.46 -6.30
C PHE B 88 -7.76 17.22 -7.56
N LYS B 89 -7.16 16.51 -8.53
CA LYS B 89 -7.87 16.21 -9.77
C LYS B 89 -9.15 15.43 -9.50
N ARG B 90 -9.07 14.39 -8.67
CA ARG B 90 -10.23 13.57 -8.37
C ARG B 90 -11.32 14.37 -7.67
N PHE B 91 -10.92 15.22 -6.72
CA PHE B 91 -11.91 16.03 -6.00
C PHE B 91 -12.65 16.94 -6.94
N TYR B 92 -11.93 17.62 -7.83
CA TYR B 92 -12.59 18.58 -8.71
C TYR B 92 -13.15 17.95 -9.98
N LEU B 93 -13.04 16.62 -10.13
CA LEU B 93 -13.86 15.95 -11.13
C LEU B 93 -15.33 16.06 -10.79
N ASN B 94 -15.70 15.88 -9.53
CA ASN B 94 -17.10 15.83 -9.11
C ASN B 94 -17.50 16.97 -8.18
N ASN B 95 -16.70 18.02 -8.07
CA ASN B 95 -17.03 19.15 -7.21
C ASN B 95 -16.65 20.44 -7.92
N SER B 96 -17.34 21.51 -7.56
CA SER B 96 -17.13 22.82 -8.15
C SER B 96 -16.24 23.66 -7.26
N VAL B 97 -15.38 24.48 -7.87
CA VAL B 97 -14.55 25.40 -7.11
C VAL B 97 -15.38 26.48 -6.42
N MET B 98 -16.59 26.74 -6.91
CA MET B 98 -17.45 27.74 -6.30
C MET B 98 -18.11 27.26 -5.01
N GLU B 99 -18.15 25.96 -4.76
CA GLU B 99 -18.63 25.46 -3.48
C GLU B 99 -17.48 25.28 -2.49
N TYR B 100 -16.41 24.61 -2.91
CA TYR B 100 -15.24 24.38 -2.08
C TYR B 100 -14.05 25.08 -2.73
N HIS B 101 -13.47 26.04 -2.02
CA HIS B 101 -12.42 26.86 -2.61
C HIS B 101 -11.19 26.01 -2.87
N PRO B 102 -10.60 26.09 -4.06
CA PRO B 102 -9.41 25.28 -4.36
C PRO B 102 -8.21 25.58 -3.48
N ARG B 103 -8.09 26.81 -2.95
CA ARG B 103 -6.96 27.14 -2.10
C ARG B 103 -6.91 26.25 -0.87
N ILE B 104 -8.05 26.04 -0.21
CA ILE B 104 -8.09 25.17 0.95
C ILE B 104 -8.00 23.71 0.53
N ILE B 105 -8.62 23.37 -0.60
CA ILE B 105 -8.69 21.98 -1.02
C ILE B 105 -7.31 21.45 -1.38
N MET B 106 -6.46 22.27 -2.00
CA MET B 106 -5.12 21.83 -2.35
C MET B 106 -4.29 21.55 -1.10
N LEU B 107 -4.42 22.40 -0.07
CA LEU B 107 -3.71 22.16 1.18
C LEU B 107 -4.24 20.92 1.88
N THR B 108 -5.56 20.71 1.84
CA THR B 108 -6.14 19.50 2.40
C THR B 108 -5.65 18.27 1.66
N CYS B 109 -5.46 18.39 0.34
CA CYS B 109 -4.91 17.29 -0.45
C CYS B 109 -3.49 16.98 -0.03
N ALA B 110 -2.67 18.01 0.15
CA ALA B 110 -1.30 17.80 0.61
C ALA B 110 -1.28 17.15 1.99
N PHE B 111 -2.15 17.61 2.89
CA PHE B 111 -2.22 17.07 4.26
C PHE B 111 -2.63 15.60 4.24
N LEU B 112 -3.70 15.27 3.53
CA LEU B 112 -4.16 13.89 3.44
C LEU B 112 -3.12 13.01 2.77
N ALA B 113 -2.45 13.52 1.73
CA ALA B 113 -1.42 12.74 1.06
C ALA B 113 -0.25 12.45 2.00
N CYS B 114 0.17 13.45 2.78
CA CYS B 114 1.23 13.24 3.76
C CYS B 114 0.84 12.15 4.75
N LYS B 115 -0.42 12.15 5.19
CA LYS B 115 -0.86 11.07 6.09
C LYS B 115 -0.87 9.72 5.38
N VAL B 116 -1.39 9.68 4.15
CA VAL B 116 -1.61 8.41 3.46
C VAL B 116 -0.28 7.78 3.03
N ASP B 117 0.64 8.59 2.53
CA ASP B 117 1.93 8.08 2.07
C ASP B 117 2.93 7.90 3.20
N GLU B 118 2.45 7.87 4.45
CA GLU B 118 3.28 7.65 5.63
C GLU B 118 4.44 8.63 5.71
N PHE B 119 4.23 9.85 5.24
CA PHE B 119 5.21 10.92 5.38
C PHE B 119 4.87 11.68 6.67
N ASN B 120 5.31 11.10 7.79
CA ASN B 120 4.93 11.60 9.11
C ASN B 120 5.38 13.03 9.32
N VAL B 121 4.42 13.95 9.36
CA VAL B 121 4.68 15.37 9.54
C VAL B 121 3.62 15.92 10.49
N SER B 122 4.06 16.67 11.49
CA SER B 122 3.13 17.23 12.46
C SER B 122 2.35 18.39 11.84
N SER B 123 1.12 18.58 12.33
CA SER B 123 0.30 19.68 11.83
C SER B 123 0.96 21.04 12.00
N PRO B 124 1.58 21.38 13.14
CA PRO B 124 2.26 22.68 13.22
C PRO B 124 3.35 22.85 12.18
N GLN B 125 4.18 21.84 11.94
CA GLN B 125 5.21 21.97 10.93
C GLN B 125 4.67 21.88 9.51
N PHE B 126 3.49 21.27 9.32
CA PHE B 126 2.82 21.34 8.04
C PHE B 126 2.37 22.76 7.73
N VAL B 127 1.66 23.38 8.68
CA VAL B 127 1.14 24.73 8.45
C VAL B 127 2.19 25.81 8.57
N GLY B 128 3.36 25.50 9.14
CA GLY B 128 4.46 26.46 9.14
C GLY B 128 5.05 26.70 7.77
N ASN B 129 4.86 25.76 6.83
CA ASN B 129 5.32 25.96 5.47
C ASN B 129 4.51 27.03 4.75
N LEU B 130 3.28 27.28 5.18
CA LEU B 130 2.47 28.32 4.57
C LEU B 130 3.05 29.70 4.87
N ARG B 131 3.10 30.53 3.82
CA ARG B 131 3.60 31.90 3.96
C ARG B 131 2.48 32.82 4.41
N GLU B 132 2.07 32.64 5.66
CA GLU B 132 0.99 33.40 6.26
C GLU B 132 1.40 33.85 7.66
N SER B 133 0.51 34.56 8.33
CA SER B 133 0.70 34.96 9.71
C SER B 133 0.44 33.78 10.64
N PRO B 134 0.94 33.84 11.88
CA PRO B 134 0.69 32.73 12.81
C PRO B 134 -0.80 32.43 12.98
N LEU B 135 -1.63 33.46 13.12
CA LEU B 135 -3.07 33.23 13.15
C LEU B 135 -3.59 32.85 11.77
N GLY B 136 -2.94 33.32 10.71
CA GLY B 136 -3.29 32.85 9.39
C GLY B 136 -3.03 31.37 9.20
N GLN B 137 -1.85 30.90 9.65
CA GLN B 137 -1.56 29.48 9.60
C GLN B 137 -2.51 28.67 10.48
N GLU B 138 -2.86 29.23 11.65
CA GLU B 138 -3.81 28.54 12.52
C GLU B 138 -5.19 28.41 11.86
N LYS B 139 -5.64 29.49 11.21
CA LYS B 139 -6.93 29.44 10.51
C LYS B 139 -6.85 28.44 9.36
N ALA B 140 -5.73 28.42 8.63
CA ALA B 140 -5.54 27.45 7.56
C ALA B 140 -5.60 26.02 8.09
N LEU B 141 -4.97 25.77 9.23
CA LEU B 141 -5.04 24.44 9.85
C LEU B 141 -6.47 24.09 10.23
N GLU B 142 -7.21 25.06 10.78
CA GLU B 142 -8.60 24.82 11.12
C GLU B 142 -9.42 24.44 9.88
N GLN B 143 -9.20 25.15 8.78
CA GLN B 143 -9.94 24.85 7.55
C GLN B 143 -9.53 23.50 6.98
N ILE B 144 -8.24 23.15 7.06
CA ILE B 144 -7.77 21.85 6.59
C ILE B 144 -8.43 20.73 7.39
N LEU B 145 -8.49 20.88 8.71
CA LEU B 145 -9.15 19.86 9.53
C LEU B 145 -10.65 19.81 9.26
N GLU B 146 -11.25 20.95 8.94
CA GLU B 146 -12.66 20.97 8.57
C GLU B 146 -12.90 20.19 7.28
N TYR B 147 -11.99 20.32 6.31
CA TYR B 147 -12.21 19.77 4.97
C TYR B 147 -11.55 18.41 4.75
N GLU B 148 -10.81 17.89 5.72
CA GLU B 148 -10.13 16.61 5.52
C GLU B 148 -11.14 15.47 5.30
N LEU B 149 -12.16 15.40 6.15
CA LEU B 149 -13.15 14.35 6.00
C LEU B 149 -13.96 14.53 4.72
N LEU B 150 -14.26 15.78 4.36
CA LEU B 150 -14.94 16.04 3.09
C LEU B 150 -14.12 15.54 1.91
N LEU B 151 -12.81 15.84 1.91
CA LEU B 151 -11.94 15.38 0.84
C LEU B 151 -11.91 13.85 0.78
N ILE B 152 -11.81 13.20 1.93
CA ILE B 152 -11.79 11.74 1.96
C ILE B 152 -13.10 11.16 1.42
N GLN B 153 -14.23 11.76 1.79
CA GLN B 153 -15.52 11.29 1.31
C GLN B 153 -15.65 11.46 -0.19
N GLN B 154 -15.19 12.61 -0.72
CA GLN B 154 -15.29 12.87 -2.15
C GLN B 154 -14.38 11.93 -2.94
N LEU B 155 -13.24 11.54 -2.38
CA LEU B 155 -12.40 10.52 -2.99
C LEU B 155 -13.01 9.12 -2.87
N ASN B 156 -14.17 8.99 -2.24
CA ASN B 156 -14.84 7.71 -2.02
C ASN B 156 -13.95 6.74 -1.25
N PHE B 157 -13.15 7.27 -0.32
CA PHE B 157 -12.28 6.45 0.53
C PHE B 157 -11.31 5.62 -0.30
N HIS B 158 -10.84 6.17 -1.40
CA HIS B 158 -9.80 5.55 -2.24
C HIS B 158 -8.57 6.43 -2.11
N LEU B 159 -7.66 6.05 -1.22
CA LEU B 159 -6.55 6.92 -0.84
C LEU B 159 -5.22 6.51 -1.46
N ILE B 160 -5.03 5.24 -1.80
CA ILE B 160 -3.78 4.80 -2.41
C ILE B 160 -3.77 5.26 -3.87
N VAL B 161 -2.73 6.00 -4.24
CA VAL B 161 -2.58 6.53 -5.60
C VAL B 161 -1.32 5.91 -6.19
N HIS B 162 -1.47 5.24 -7.33
CA HIS B 162 -0.35 4.64 -8.03
C HIS B 162 0.23 5.69 -8.98
N ASN B 163 1.43 6.12 -8.70
CA ASN B 163 2.14 7.13 -9.47
C ASN B 163 3.00 6.46 -10.53
N PRO B 164 3.43 7.21 -11.56
CA PRO B 164 4.27 6.61 -12.60
C PRO B 164 5.75 6.54 -12.26
N TYR B 165 6.17 6.97 -11.06
CA TYR B 165 7.60 7.06 -10.77
C TYR B 165 8.23 5.68 -10.57
N ARG B 166 7.59 4.82 -9.77
CA ARG B 166 8.13 3.47 -9.62
C ARG B 166 8.06 2.69 -10.93
N PRO B 167 6.96 2.75 -11.68
CA PRO B 167 6.99 2.14 -13.02
C PRO B 167 8.09 2.69 -13.92
N PHE B 168 8.37 3.99 -13.81
CA PHE B 168 9.47 4.59 -14.57
C PHE B 168 10.81 3.96 -14.18
N GLU B 169 11.04 3.80 -12.87
CA GLU B 169 12.29 3.18 -12.41
C GLU B 169 12.36 1.73 -12.86
N GLY B 170 11.23 1.01 -12.80
CA GLY B 170 11.22 -0.37 -13.26
C GLY B 170 11.51 -0.49 -14.75
N PHE B 171 10.97 0.42 -15.55
CA PHE B 171 11.27 0.44 -16.98
C PHE B 171 12.74 0.76 -17.23
N LEU B 172 13.31 1.66 -16.44
CA LEU B 172 14.74 1.94 -16.59
C LEU B 172 15.57 0.70 -16.25
N ILE B 173 15.19 -0.04 -15.21
CA ILE B 173 15.88 -1.27 -14.87
C ILE B 173 15.77 -2.28 -16.01
N ASP B 174 14.55 -2.44 -16.55
CA ASP B 174 14.34 -3.39 -17.64
C ASP B 174 15.12 -2.99 -18.89
N LEU B 175 15.20 -1.69 -19.18
CA LEU B 175 15.96 -1.23 -20.34
C LEU B 175 17.45 -1.47 -20.14
N LYS B 176 17.96 -1.21 -18.93
CA LYS B 176 19.37 -1.46 -18.65
C LYS B 176 19.69 -2.95 -18.74
N THR B 177 18.75 -3.80 -18.38
CA THR B 177 19.02 -5.24 -18.39
C THR B 177 18.85 -5.86 -19.78
N ARG B 178 17.66 -5.72 -20.36
CA ARG B 178 17.24 -6.52 -21.51
C ARG B 178 17.32 -5.79 -22.83
N TYR B 179 17.80 -4.55 -22.88
CA TYR B 179 17.85 -3.77 -24.11
C TYR B 179 19.24 -3.18 -24.30
N PRO B 180 20.22 -4.02 -24.65
CA PRO B 180 21.59 -3.51 -24.86
C PRO B 180 21.72 -2.55 -26.03
N ILE B 181 20.78 -2.55 -26.97
CA ILE B 181 20.86 -1.64 -28.11
C ILE B 181 20.86 -0.19 -27.65
N LEU B 182 20.04 0.13 -26.65
CA LEU B 182 20.12 1.41 -25.96
C LEU B 182 21.21 1.28 -24.90
N GLU B 183 22.41 1.79 -25.21
CA GLU B 183 23.57 1.51 -24.38
C GLU B 183 23.44 2.09 -22.98
N ASN B 184 22.82 3.26 -22.85
CA ASN B 184 22.68 3.93 -21.55
C ASN B 184 21.27 4.49 -21.42
N PRO B 185 20.35 3.77 -20.79
CA PRO B 185 19.01 4.33 -20.55
C PRO B 185 19.02 5.55 -19.65
N GLU B 186 20.11 5.79 -18.90
CA GLU B 186 20.12 6.89 -17.94
C GLU B 186 19.99 8.24 -18.62
N ILE B 187 20.58 8.40 -19.81
CA ILE B 187 20.45 9.67 -20.53
C ILE B 187 19.03 9.93 -21.01
N LEU B 188 18.15 8.93 -20.93
CA LEU B 188 16.74 9.11 -21.21
C LEU B 188 15.96 9.60 -20.00
N ARG B 189 16.59 9.73 -18.84
CA ARG B 189 15.86 10.01 -17.61
C ARG B 189 15.26 11.41 -17.57
N LYS B 190 16.12 12.42 -17.52
CA LYS B 190 15.67 13.78 -17.23
C LYS B 190 14.60 14.22 -18.21
N THR B 191 14.87 14.07 -19.51
CA THR B 191 13.89 14.45 -20.53
C THR B 191 12.57 13.72 -20.29
N ALA B 192 12.63 12.41 -20.08
CA ALA B 192 11.41 11.67 -19.80
C ALA B 192 10.72 12.22 -18.57
N ASP B 193 11.50 12.51 -17.52
CA ASP B 193 10.92 13.12 -16.34
C ASP B 193 10.23 14.43 -16.69
N ASP B 194 10.89 15.25 -17.53
CA ASP B 194 10.25 16.47 -18.01
C ASP B 194 8.89 16.14 -18.63
N PHE B 195 8.88 15.18 -19.56
CA PHE B 195 7.62 14.80 -20.18
C PHE B 195 6.64 14.31 -19.12
N LEU B 196 7.14 13.54 -18.16
CA LEU B 196 6.30 13.08 -17.05
C LEU B 196 5.58 14.27 -16.41
N ASN B 197 6.34 15.32 -16.08
CA ASN B 197 5.73 16.49 -15.48
C ASN B 197 4.64 17.06 -16.38
N ARG B 198 4.95 17.19 -17.68
CA ARG B 198 3.96 17.68 -18.62
C ARG B 198 2.74 16.78 -18.65
N ILE B 199 2.97 15.46 -18.63
CA ILE B 199 1.84 14.54 -18.61
C ILE B 199 1.01 14.76 -17.35
N ALA B 200 1.66 15.07 -16.23
CA ALA B 200 0.94 15.32 -14.99
C ALA B 200 0.07 16.56 -15.07
N LEU B 201 0.40 17.49 -15.98
CA LEU B 201 -0.39 18.72 -16.07
C LEU B 201 -1.74 18.47 -16.72
N THR B 202 -1.83 17.47 -17.60
CA THR B 202 -3.06 17.19 -18.33
C THR B 202 -3.94 16.23 -17.53
N ASP B 203 -4.95 15.68 -18.19
CA ASP B 203 -5.87 14.73 -17.59
C ASP B 203 -5.44 13.28 -17.78
N ALA B 204 -4.20 13.05 -18.25
CA ALA B 204 -3.75 11.70 -18.54
C ALA B 204 -3.80 10.80 -17.31
N TYR B 205 -3.56 11.36 -16.13
CA TYR B 205 -3.58 10.56 -14.91
C TYR B 205 -4.95 9.94 -14.63
N LEU B 206 -6.02 10.55 -15.14
CA LEU B 206 -7.36 9.99 -15.01
C LEU B 206 -7.77 9.14 -16.20
N LEU B 207 -6.93 9.05 -17.23
CA LEU B 207 -7.29 8.35 -18.45
C LEU B 207 -6.41 7.16 -18.77
N TYR B 208 -5.22 7.05 -18.17
CA TYR B 208 -4.27 6.01 -18.54
C TYR B 208 -3.60 5.45 -17.29
N THR B 209 -3.03 4.26 -17.44
CA THR B 209 -2.33 3.59 -16.36
C THR B 209 -0.96 4.23 -16.12
N PRO B 210 -0.47 4.17 -14.88
CA PRO B 210 0.87 4.73 -14.60
C PRO B 210 1.98 4.08 -15.41
N SER B 211 1.88 2.78 -15.67
CA SER B 211 2.88 2.12 -16.51
C SER B 211 2.86 2.68 -17.92
N GLN B 212 1.66 2.89 -18.49
CA GLN B 212 1.56 3.48 -19.81
C GLN B 212 2.13 4.89 -19.83
N ILE B 213 1.88 5.67 -18.77
CA ILE B 213 2.38 7.04 -18.70
C ILE B 213 3.91 7.03 -18.65
N ALA B 214 4.48 6.16 -17.82
CA ALA B 214 5.93 6.09 -17.70
C ALA B 214 6.56 5.65 -19.02
N LEU B 215 5.98 4.63 -19.67
CA LEU B 215 6.51 4.17 -20.95
C LEU B 215 6.40 5.25 -22.01
N THR B 216 5.29 5.99 -22.03
CA THR B 216 5.14 7.08 -23.00
C THR B 216 6.18 8.15 -22.78
N ALA B 217 6.43 8.52 -21.52
CA ALA B 217 7.46 9.51 -21.23
C ALA B 217 8.83 9.04 -21.70
N ILE B 218 9.16 7.78 -21.40
CA ILE B 218 10.45 7.23 -21.81
C ILE B 218 10.58 7.22 -23.33
N LEU B 219 9.51 6.82 -24.02
CA LEU B 219 9.60 6.70 -25.47
C LEU B 219 9.63 8.05 -26.15
N SER B 220 8.92 9.04 -25.61
CA SER B 220 9.05 10.40 -26.12
C SER B 220 10.46 10.93 -25.90
N SER B 221 11.06 10.62 -24.75
CA SER B 221 12.44 11.01 -24.51
C SER B 221 13.37 10.35 -25.52
N ALA B 222 13.15 9.08 -25.82
CA ALA B 222 13.97 8.39 -26.82
C ALA B 222 13.80 9.02 -28.20
N SER B 223 12.57 9.36 -28.56
CA SER B 223 12.32 10.00 -29.86
C SER B 223 13.00 11.36 -29.94
N ARG B 224 12.98 12.13 -28.84
CA ARG B 224 13.65 13.43 -28.83
C ARG B 224 15.14 13.29 -29.07
N ALA B 225 15.77 12.30 -28.43
CA ALA B 225 17.20 12.08 -28.62
C ALA B 225 17.52 11.44 -29.96
N GLY B 226 16.51 11.04 -30.72
CA GLY B 226 16.70 10.43 -32.02
C GLY B 226 16.80 8.92 -32.01
N ILE B 227 16.84 8.29 -30.84
CA ILE B 227 16.89 6.84 -30.74
C ILE B 227 15.46 6.32 -30.95
N THR B 228 15.25 5.60 -32.04
CA THR B 228 14.01 4.88 -32.27
C THR B 228 14.25 3.42 -31.88
N MET B 229 13.52 2.96 -30.87
CA MET B 229 13.77 1.66 -30.26
C MET B 229 12.46 0.89 -30.07
N GLU B 230 11.67 0.84 -31.15
CA GLU B 230 10.44 0.06 -31.18
C GLU B 230 10.67 -1.42 -30.91
N SER B 231 11.89 -1.91 -31.12
CA SER B 231 12.18 -3.32 -30.84
C SER B 231 12.05 -3.65 -29.35
N TYR B 232 12.13 -2.64 -28.48
CA TYR B 232 11.84 -2.89 -27.06
C TYR B 232 10.41 -3.37 -26.87
N LEU B 233 9.46 -2.69 -27.52
CA LEU B 233 8.08 -3.14 -27.44
C LEU B 233 7.87 -4.44 -28.23
N SER B 234 8.45 -4.51 -29.43
CA SER B 234 8.22 -5.67 -30.29
C SER B 234 8.83 -6.94 -29.71
N GLU B 235 10.09 -6.86 -29.27
CA GLU B 235 10.84 -8.05 -28.87
C GLU B 235 10.97 -8.22 -27.37
N SER B 236 11.45 -7.19 -26.66
CA SER B 236 11.70 -7.35 -25.23
C SER B 236 10.40 -7.58 -24.46
N LEU B 237 9.39 -6.74 -24.69
CA LEU B 237 8.07 -6.97 -24.13
C LEU B 237 7.22 -7.88 -25.01
N MET B 238 7.79 -8.39 -26.11
CA MET B 238 7.20 -9.48 -26.90
C MET B 238 5.83 -9.10 -27.45
N LEU B 239 5.67 -7.85 -27.85
CA LEU B 239 4.43 -7.43 -28.48
C LEU B 239 4.38 -7.78 -29.97
N LYS B 240 5.47 -8.26 -30.55
CA LYS B 240 5.40 -8.84 -31.89
C LYS B 240 4.61 -10.13 -31.88
N GLU B 241 4.44 -10.76 -30.71
CA GLU B 241 3.58 -11.93 -30.56
C GLU B 241 2.11 -11.56 -30.44
N ASN B 242 1.79 -10.26 -30.35
CA ASN B 242 0.40 -9.81 -30.25
C ASN B 242 0.32 -8.44 -30.93
N ARG B 243 -0.06 -8.47 -32.22
CA ARG B 243 -0.11 -7.23 -33.00
C ARG B 243 -1.16 -6.27 -32.47
N THR B 244 -2.30 -6.80 -32.03
CA THR B 244 -3.36 -5.96 -31.48
C THR B 244 -2.86 -5.20 -30.25
N CYS B 245 -2.16 -5.89 -29.35
CA CYS B 245 -1.64 -5.23 -28.16
C CYS B 245 -0.61 -4.17 -28.52
N LEU B 246 0.23 -4.45 -29.51
CA LEU B 246 1.24 -3.47 -29.93
C LEU B 246 0.59 -2.21 -30.50
N SER B 247 -0.40 -2.37 -31.37
CA SER B 247 -1.10 -1.21 -31.93
C SER B 247 -1.86 -0.46 -30.83
N GLN B 248 -2.46 -1.18 -29.89
CA GLN B 248 -3.15 -0.54 -28.79
C GLN B 248 -2.20 0.30 -27.94
N LEU B 249 -1.03 -0.24 -27.63
CA LEU B 249 -0.04 0.52 -26.88
C LEU B 249 0.39 1.75 -27.65
N LEU B 250 0.65 1.59 -28.95
CA LEU B 250 1.14 2.71 -29.75
C LEU B 250 0.10 3.82 -29.83
N ASP B 251 -1.17 3.48 -30.00
CA ASP B 251 -2.15 4.57 -30.10
C ASP B 251 -2.45 5.17 -28.74
N ILE B 252 -2.30 4.40 -27.65
CA ILE B 252 -2.39 4.99 -26.32
C ILE B 252 -1.30 6.05 -26.12
N MET B 253 -0.07 5.71 -26.49
CA MET B 253 1.03 6.69 -26.36
C MET B 253 0.82 7.89 -27.28
N LYS B 254 0.31 7.65 -28.49
CA LYS B 254 0.04 8.76 -29.39
C LYS B 254 -1.03 9.69 -28.82
N SER B 255 -2.06 9.12 -28.20
CA SER B 255 -3.06 9.93 -27.53
C SER B 255 -2.45 10.71 -26.37
N MET B 256 -1.55 10.08 -25.62
CA MET B 256 -0.83 10.78 -24.55
C MET B 256 -0.12 12.01 -25.10
N ARG B 257 0.63 11.82 -26.18
CA ARG B 257 1.40 12.93 -26.75
C ARG B 257 0.47 14.01 -27.30
N ASN B 258 -0.65 13.62 -27.90
CA ASN B 258 -1.63 14.60 -28.34
C ASN B 258 -2.20 15.39 -27.17
N LEU B 259 -2.51 14.71 -26.06
CA LEU B 259 -2.99 15.40 -24.86
C LEU B 259 -1.97 16.41 -24.37
N VAL B 260 -0.69 16.03 -24.37
CA VAL B 260 0.36 16.93 -23.90
C VAL B 260 0.49 18.12 -24.86
N LYS B 261 0.43 17.87 -26.16
CA LYS B 261 0.69 18.93 -27.14
C LYS B 261 -0.42 19.97 -27.15
N LYS B 262 -1.67 19.54 -26.96
CA LYS B 262 -2.80 20.45 -27.00
C LYS B 262 -3.12 21.07 -25.65
N TYR B 263 -2.35 20.76 -24.61
CA TYR B 263 -2.55 21.37 -23.30
C TYR B 263 -2.26 22.86 -23.37
N GLU B 264 -3.04 23.64 -22.64
CA GLU B 264 -2.90 25.10 -22.64
C GLU B 264 -2.71 25.59 -21.21
N PRO B 265 -1.57 26.23 -20.90
CA PRO B 265 -1.40 26.77 -19.56
C PRO B 265 -2.35 27.94 -19.31
N PRO B 266 -2.83 28.10 -18.09
CA PRO B 266 -3.69 29.26 -17.78
C PRO B 266 -2.95 30.58 -17.97
N ARG B 267 -3.68 31.58 -18.43
CA ARG B 267 -3.13 32.91 -18.66
C ARG B 267 -3.31 33.79 -17.43
N SER B 268 -2.34 34.69 -17.21
CA SER B 268 -2.29 35.47 -15.99
C SER B 268 -3.51 36.38 -15.85
N GLU B 269 -3.86 37.11 -16.91
CA GLU B 269 -5.02 37.99 -16.82
C GLU B 269 -6.31 37.18 -16.73
N GLU B 270 -6.36 36.04 -17.41
CA GLU B 270 -7.54 35.19 -17.35
C GLU B 270 -7.74 34.64 -15.95
N VAL B 271 -6.67 34.13 -15.33
CA VAL B 271 -6.80 33.63 -13.97
C VAL B 271 -7.07 34.76 -12.99
N ALA B 272 -6.57 35.96 -13.27
CA ALA B 272 -6.90 37.10 -12.43
C ALA B 272 -8.41 37.35 -12.43
N VAL B 273 -9.01 37.43 -13.62
CA VAL B 273 -10.45 37.67 -13.72
C VAL B 273 -11.23 36.54 -13.06
N LEU B 274 -10.84 35.30 -13.35
CA LEU B 274 -11.54 34.16 -12.77
C LEU B 274 -11.36 34.11 -11.26
N LYS B 275 -10.22 34.58 -10.74
CA LYS B 275 -10.02 34.63 -9.29
C LYS B 275 -10.93 35.66 -8.65
N GLN B 276 -11.09 36.83 -9.26
CA GLN B 276 -12.07 37.78 -8.74
C GLN B 276 -13.46 37.17 -8.73
N LYS B 277 -13.82 36.48 -9.82
CA LYS B 277 -15.14 35.85 -9.88
C LYS B 277 -15.30 34.77 -8.79
N LEU B 278 -14.24 33.99 -8.57
CA LEU B 278 -14.30 32.94 -7.55
C LEU B 278 -14.42 33.52 -6.14
N GLU B 279 -13.67 34.58 -5.85
CA GLU B 279 -13.79 35.23 -4.55
C GLU B 279 -15.17 35.83 -4.37
N ARG B 280 -15.74 36.39 -5.43
CA ARG B 280 -17.11 36.90 -5.35
C ARG B 280 -18.10 35.78 -5.08
N CYS B 281 -17.90 34.62 -5.71
CA CYS B 281 -18.77 33.47 -5.45
C CYS B 281 -18.64 32.98 -4.02
N HIS B 282 -17.44 33.05 -3.46
CA HIS B 282 -17.21 32.61 -2.08
C HIS B 282 -17.46 33.71 -1.06
N SER B 283 -17.84 34.90 -1.50
CA SER B 283 -18.23 35.95 -0.55
C SER B 283 -19.54 35.59 0.15
N ALA B 284 -20.52 35.09 -0.60
CA ALA B 284 -21.79 34.67 -0.02
C ALA B 284 -22.42 33.65 -0.96
N GLU B 285 -22.42 32.39 -0.54
CA GLU B 285 -22.96 31.27 -1.33
C GLU B 285 -22.34 31.21 -2.72
N LYS C 13 -28.20 6.88 11.81
CA LYS C 13 -27.32 6.55 10.70
C LYS C 13 -27.84 5.33 9.94
N ARG C 14 -27.04 4.86 8.97
CA ARG C 14 -27.39 3.72 8.14
C ARG C 14 -27.30 2.39 8.88
N TYR C 15 -26.66 2.36 10.05
CA TYR C 15 -26.40 1.12 10.77
C TYR C 15 -27.10 1.15 12.11
N GLU C 16 -27.85 0.09 12.40
CA GLU C 16 -28.56 -0.06 13.68
C GLU C 16 -27.60 -0.68 14.68
N LYS C 17 -27.08 0.15 15.59
CA LYS C 17 -26.13 -0.34 16.58
C LYS C 17 -26.80 -1.35 17.51
N LEU C 18 -26.09 -2.44 17.79
CA LEU C 18 -26.66 -3.54 18.56
C LEU C 18 -25.95 -3.75 19.89
N ASP C 19 -24.64 -3.96 19.90
CA ASP C 19 -24.00 -4.46 21.12
C ASP C 19 -22.53 -4.05 21.20
N PHE C 20 -22.10 -3.66 22.38
CA PHE C 20 -20.69 -3.33 22.61
C PHE C 20 -19.82 -4.57 22.48
N LEU C 21 -18.67 -4.42 21.82
CA LEU C 21 -17.74 -5.53 21.63
C LEU C 21 -16.34 -5.28 22.17
N GLY C 22 -15.97 -4.05 22.47
CA GLY C 22 -14.65 -3.79 23.00
C GLY C 22 -14.24 -2.35 22.75
N GLU C 23 -13.08 -2.01 23.30
CA GLU C 23 -12.55 -0.66 23.25
C GLU C 23 -11.04 -0.73 23.04
N GLY C 24 -10.50 0.26 22.32
CA GLY C 24 -9.07 0.33 22.07
C GLY C 24 -8.54 1.74 22.25
N GLN C 25 -7.24 1.89 21.96
CA GLN C 25 -6.60 3.20 22.08
C GLN C 25 -6.99 4.15 20.96
N PHE C 26 -7.45 3.62 19.83
CA PHE C 26 -7.82 4.46 18.69
C PHE C 26 -9.32 4.48 18.41
N ALA C 27 -10.05 3.43 18.77
CA ALA C 27 -11.47 3.35 18.44
C ALA C 27 -12.12 2.27 19.29
N THR C 28 -13.45 2.28 19.28
CA THR C 28 -14.27 1.32 20.00
C THR C 28 -15.11 0.52 19.01
N VAL C 29 -15.24 -0.78 19.25
CA VAL C 29 -15.88 -1.69 18.30
C VAL C 29 -17.25 -2.08 18.82
N TYR C 30 -18.27 -1.99 17.96
CA TYR C 30 -19.59 -2.48 18.32
C TYR C 30 -20.21 -3.25 17.15
N LYS C 31 -20.98 -4.28 17.49
CA LYS C 31 -21.75 -5.05 16.54
C LYS C 31 -23.04 -4.31 16.20
N ALA C 32 -23.35 -4.24 14.91
CA ALA C 32 -24.52 -3.50 14.43
C ALA C 32 -25.12 -4.22 13.24
N ARG C 33 -26.33 -3.80 12.87
CA ARG C 33 -27.05 -4.37 11.73
C ARG C 33 -27.30 -3.28 10.69
N ILE C 40 -25.01 -8.36 9.38
CA ILE C 40 -24.36 -8.01 10.65
C ILE C 40 -22.92 -7.57 10.40
N VAL C 41 -22.57 -6.40 10.92
CA VAL C 41 -21.25 -5.82 10.73
C VAL C 41 -20.69 -5.39 12.07
N ALA C 42 -19.40 -5.06 12.08
CA ALA C 42 -18.74 -4.51 13.25
C ALA C 42 -18.16 -3.14 12.88
N ILE C 43 -18.49 -2.13 13.67
CA ILE C 43 -18.03 -0.78 13.43
C ILE C 43 -16.97 -0.43 14.45
N LYS C 44 -15.79 -0.05 13.97
CA LYS C 44 -14.70 0.47 14.77
C LYS C 44 -14.77 1.99 14.67
N LYS C 45 -15.39 2.61 15.66
CA LYS C 45 -15.63 4.05 15.67
C LYS C 45 -14.58 4.79 16.49
N LYS C 55 -4.77 18.56 17.21
CA LYS C 55 -4.98 19.07 15.86
C LYS C 55 -4.35 18.16 14.81
N ASP C 56 -4.32 16.86 15.10
CA ASP C 56 -3.74 15.90 14.16
C ASP C 56 -4.70 15.47 13.08
N GLY C 57 -5.97 15.85 13.15
CA GLY C 57 -6.93 15.44 12.16
C GLY C 57 -7.39 14.00 12.36
N ILE C 58 -7.87 13.41 11.26
CA ILE C 58 -8.32 12.03 11.31
C ILE C 58 -7.18 11.12 11.71
N ASN C 59 -7.48 10.14 12.55
CA ASN C 59 -6.47 9.29 13.15
C ASN C 59 -5.67 8.55 12.07
N ARG C 60 -4.34 8.57 12.22
CA ARG C 60 -3.46 7.98 11.22
C ARG C 60 -3.67 6.48 11.10
N THR C 61 -3.96 5.81 12.23
CA THR C 61 -4.19 4.37 12.19
C THR C 61 -5.45 4.03 11.39
N ALA C 62 -6.51 4.80 11.58
CA ALA C 62 -7.73 4.57 10.81
C ALA C 62 -7.50 4.81 9.32
N LEU C 63 -6.75 5.87 8.99
CA LEU C 63 -6.41 6.12 7.59
C LEU C 63 -5.58 4.97 7.02
N ARG C 64 -4.64 4.45 7.80
CA ARG C 64 -3.85 3.30 7.37
C ARG C 64 -4.75 2.12 7.05
N GLU C 65 -5.67 1.79 7.96
CA GLU C 65 -6.58 0.67 7.74
C GLU C 65 -7.43 0.89 6.50
N ILE C 66 -7.98 2.10 6.34
CA ILE C 66 -8.82 2.39 5.17
C ILE C 66 -8.01 2.20 3.89
N LYS C 67 -6.87 2.89 3.80
CA LYS C 67 -6.10 2.89 2.56
C LYS C 67 -5.59 1.51 2.21
N LEU C 68 -5.25 0.68 3.21
CA LEU C 68 -4.74 -0.64 2.90
C LEU C 68 -5.87 -1.61 2.54
N LEU C 69 -6.97 -1.60 3.30
CA LEU C 69 -8.03 -2.56 3.06
C LEU C 69 -8.91 -2.21 1.87
N GLN C 70 -8.83 -0.98 1.35
CA GLN C 70 -9.54 -0.69 0.11
C GLN C 70 -8.88 -1.34 -1.10
N GLU C 71 -7.56 -1.54 -1.06
CA GLU C 71 -6.82 -2.10 -2.18
C GLU C 71 -6.62 -3.60 -2.08
N LEU C 72 -7.20 -4.26 -1.09
CA LEU C 72 -7.01 -5.69 -0.87
C LEU C 72 -8.34 -6.40 -0.85
N SER C 73 -8.40 -7.57 -1.49
CA SER C 73 -9.62 -8.36 -1.55
C SER C 73 -9.22 -9.83 -1.61
N HIS C 74 -9.31 -10.50 -0.47
CA HIS C 74 -8.95 -11.91 -0.35
C HIS C 74 -9.79 -12.53 0.75
N PRO C 75 -10.19 -13.80 0.61
CA PRO C 75 -11.06 -14.42 1.63
C PRO C 75 -10.44 -14.51 3.01
N ASN C 76 -9.11 -14.42 3.13
CA ASN C 76 -8.44 -14.50 4.43
C ASN C 76 -7.91 -13.16 4.88
N ILE C 77 -8.48 -12.07 4.37
CA ILE C 77 -8.18 -10.71 4.82
C ILE C 77 -9.50 -10.05 5.16
N ILE C 78 -9.55 -9.37 6.30
CA ILE C 78 -10.79 -8.76 6.76
C ILE C 78 -11.26 -7.74 5.74
N GLY C 79 -12.57 -7.78 5.44
CA GLY C 79 -13.13 -6.93 4.41
C GLY C 79 -13.66 -5.63 4.98
N LEU C 80 -13.20 -4.51 4.40
CA LEU C 80 -13.70 -3.18 4.76
C LEU C 80 -14.94 -2.90 3.91
N LEU C 81 -16.11 -2.94 4.54
CA LEU C 81 -17.36 -2.78 3.80
C LEU C 81 -17.70 -1.31 3.59
N ASP C 82 -17.45 -0.46 4.58
CA ASP C 82 -17.85 0.93 4.50
C ASP C 82 -17.01 1.76 5.46
N ALA C 83 -17.02 3.07 5.26
CA ALA C 83 -16.36 4.01 6.15
C ALA C 83 -17.11 5.34 6.11
N PHE C 84 -17.11 6.03 7.25
CA PHE C 84 -17.78 7.32 7.37
C PHE C 84 -17.33 7.97 8.67
N GLY C 85 -17.80 9.18 8.91
CA GLY C 85 -17.47 9.88 10.13
C GLY C 85 -18.00 11.30 10.13
N HIS C 86 -17.49 12.11 11.05
CA HIS C 86 -17.87 13.51 11.20
C HIS C 86 -16.70 14.28 11.79
N LYS C 87 -16.40 15.43 11.21
CA LYS C 87 -15.32 16.32 11.66
C LYS C 87 -14.02 15.51 11.65
N SER C 88 -13.20 15.55 12.70
CA SER C 88 -11.98 14.76 12.76
C SER C 88 -12.21 13.33 13.25
N ASN C 89 -13.45 12.98 13.60
CA ASN C 89 -13.75 11.62 14.05
C ASN C 89 -14.25 10.79 12.88
N ILE C 90 -13.89 9.50 12.88
CA ILE C 90 -14.15 8.61 11.76
C ILE C 90 -14.44 7.21 12.29
N SER C 91 -15.21 6.45 11.52
CA SER C 91 -15.57 5.09 11.86
C SER C 91 -15.38 4.20 10.64
N LEU C 92 -14.98 2.96 10.90
CA LEU C 92 -14.74 1.97 9.85
C LEU C 92 -15.72 0.82 10.03
N VAL C 93 -16.23 0.29 8.91
CA VAL C 93 -17.18 -0.82 8.93
C VAL C 93 -16.49 -2.06 8.40
N PHE C 94 -16.51 -3.13 9.18
CA PHE C 94 -15.93 -4.42 8.80
C PHE C 94 -16.99 -5.50 8.89
N ASP C 95 -16.72 -6.63 8.27
CA ASP C 95 -17.55 -7.81 8.48
C ASP C 95 -17.38 -8.30 9.92
N PHE C 96 -18.49 -8.69 10.53
CA PHE C 96 -18.47 -9.10 11.93
C PHE C 96 -17.93 -10.51 12.05
N MET C 97 -16.96 -10.71 12.94
CA MET C 97 -16.31 -11.99 13.12
C MET C 97 -16.71 -12.59 14.47
N GLU C 98 -16.84 -13.92 14.50
CA GLU C 98 -17.30 -14.59 15.71
C GLU C 98 -16.21 -14.60 16.79
N THR C 99 -15.06 -15.23 16.49
CA THR C 99 -14.00 -15.39 17.47
C THR C 99 -12.66 -14.98 16.89
N ASP C 100 -11.59 -15.25 17.63
CA ASP C 100 -10.23 -15.11 17.13
C ASP C 100 -9.39 -16.27 17.68
N LEU C 101 -8.16 -16.36 17.20
CA LEU C 101 -7.32 -17.50 17.57
C LEU C 101 -6.92 -17.48 19.04
N GLU C 102 -6.86 -16.30 19.65
CA GLU C 102 -6.50 -16.22 21.06
C GLU C 102 -7.54 -16.94 21.94
N VAL C 103 -8.83 -16.72 21.65
CA VAL C 103 -9.87 -17.36 22.44
C VAL C 103 -9.86 -18.87 22.22
N ILE C 104 -9.62 -19.31 20.98
CA ILE C 104 -9.54 -20.74 20.69
C ILE C 104 -8.38 -21.38 21.44
N ILE C 105 -7.21 -20.71 21.42
CA ILE C 105 -6.03 -21.25 22.10
C ILE C 105 -6.26 -21.29 23.60
N LYS C 106 -6.84 -20.24 24.17
CA LYS C 106 -7.06 -20.18 25.61
C LYS C 106 -8.23 -21.03 26.09
N ASP C 107 -9.04 -21.55 25.18
CA ASP C 107 -10.18 -22.37 25.58
C ASP C 107 -9.68 -23.77 25.96
N ASN C 108 -9.90 -24.15 27.21
CA ASN C 108 -9.41 -25.44 27.70
C ASN C 108 -10.29 -26.60 27.30
N SER C 109 -11.51 -26.35 26.85
CA SER C 109 -12.41 -27.39 26.35
C SER C 109 -12.30 -27.60 24.86
N LEU C 110 -11.40 -26.88 24.18
CA LEU C 110 -11.23 -26.98 22.74
C LEU C 110 -9.98 -27.80 22.45
N VAL C 111 -10.17 -29.02 21.98
CA VAL C 111 -9.06 -29.89 21.60
C VAL C 111 -8.58 -29.47 20.21
N LEU C 112 -7.31 -29.08 20.12
CA LEU C 112 -6.74 -28.62 18.85
C LEU C 112 -6.04 -29.80 18.18
N THR C 113 -6.79 -30.48 17.32
CA THR C 113 -6.25 -31.60 16.58
C THR C 113 -5.26 -31.10 15.52
N PRO C 114 -4.38 -31.98 15.02
CA PRO C 114 -3.44 -31.54 13.97
C PRO C 114 -4.13 -30.99 12.74
N SER C 115 -5.30 -31.53 12.39
CA SER C 115 -6.04 -31.00 11.24
C SER C 115 -6.52 -29.57 11.49
N HIS C 116 -7.03 -29.28 12.70
CA HIS C 116 -7.43 -27.91 13.01
C HIS C 116 -6.25 -26.95 12.92
N ILE C 117 -5.11 -27.35 13.48
CA ILE C 117 -3.92 -26.50 13.45
C ILE C 117 -3.50 -26.27 12.00
N LYS C 118 -3.51 -27.32 11.19
CA LYS C 118 -3.15 -27.17 9.78
C LYS C 118 -4.11 -26.23 9.06
N ALA C 119 -5.41 -26.33 9.36
CA ALA C 119 -6.38 -25.44 8.72
C ALA C 119 -6.14 -23.98 9.09
N TYR C 120 -5.93 -23.71 10.39
CA TYR C 120 -5.65 -22.35 10.82
C TYR C 120 -4.39 -21.83 10.15
N MET C 121 -3.33 -22.65 10.14
CA MET C 121 -2.07 -22.25 9.55
C MET C 121 -2.22 -22.00 8.05
N LEU C 122 -2.99 -22.84 7.37
CA LEU C 122 -3.19 -22.71 5.93
C LEU C 122 -3.92 -21.42 5.60
N MET C 123 -5.01 -21.12 6.32
CA MET C 123 -5.73 -19.88 6.06
C MET C 123 -4.86 -18.67 6.35
N THR C 124 -4.13 -18.70 7.47
CA THR C 124 -3.24 -17.60 7.82
C THR C 124 -2.18 -17.39 6.74
N LEU C 125 -1.59 -18.48 6.25
CA LEU C 125 -0.53 -18.38 5.27
C LEU C 125 -1.06 -17.96 3.89
N GLN C 126 -2.27 -18.36 3.53
CA GLN C 126 -2.83 -17.90 2.27
C GLN C 126 -3.13 -16.40 2.33
N GLY C 127 -3.71 -15.94 3.43
CA GLY C 127 -3.89 -14.51 3.61
C GLY C 127 -2.57 -13.76 3.57
N LEU C 128 -1.54 -14.30 4.22
CA LEU C 128 -0.24 -13.64 4.24
C LEU C 128 0.43 -13.68 2.86
N GLU C 129 0.23 -14.75 2.09
CA GLU C 129 0.77 -14.81 0.75
C GLU C 129 0.12 -13.77 -0.15
N TYR C 130 -1.21 -13.62 -0.05
CA TYR C 130 -1.88 -12.55 -0.78
C TYR C 130 -1.37 -11.18 -0.35
N LEU C 131 -1.20 -10.98 0.95
CA LEU C 131 -0.75 -9.68 1.45
C LEU C 131 0.67 -9.36 1.00
N HIS C 132 1.57 -10.35 1.08
CA HIS C 132 2.96 -10.14 0.66
C HIS C 132 3.08 -9.98 -0.85
N GLN C 133 2.22 -10.67 -1.62
CA GLN C 133 2.21 -10.48 -3.06
C GLN C 133 1.97 -9.02 -3.42
N HIS C 134 1.06 -8.36 -2.70
CA HIS C 134 0.80 -6.94 -2.89
C HIS C 134 1.70 -6.06 -2.03
N TRP C 135 2.81 -6.61 -1.55
CA TRP C 135 3.90 -5.83 -0.93
C TRP C 135 3.43 -5.09 0.32
N ILE C 136 2.73 -5.81 1.19
CA ILE C 136 2.28 -5.26 2.47
C ILE C 136 2.65 -6.24 3.57
N LEU C 137 3.27 -5.72 4.64
CA LEU C 137 3.55 -6.47 5.85
C LEU C 137 2.50 -6.16 6.90
N HIS C 138 1.93 -7.21 7.49
CA HIS C 138 0.94 -7.01 8.56
C HIS C 138 1.58 -6.36 9.78
N ARG C 139 2.71 -6.91 10.23
CA ARG C 139 3.53 -6.39 11.34
C ARG C 139 2.81 -6.40 12.68
N ASP C 140 1.63 -6.99 12.78
CA ASP C 140 0.95 -7.12 14.06
C ASP C 140 0.28 -8.48 14.18
N LEU C 141 0.94 -9.53 13.68
CA LEU C 141 0.35 -10.86 13.69
C LEU C 141 0.40 -11.43 15.10
N LYS C 142 -0.74 -11.94 15.56
CA LYS C 142 -0.87 -12.57 16.87
C LYS C 142 -2.24 -13.24 16.91
N PRO C 143 -2.45 -14.18 17.85
CA PRO C 143 -3.71 -14.93 17.84
C PRO C 143 -4.96 -14.07 17.95
N ASN C 144 -4.90 -12.91 18.61
CA ASN C 144 -6.10 -12.08 18.68
C ASN C 144 -6.32 -11.24 17.43
N ASN C 145 -5.34 -11.17 16.53
CA ASN C 145 -5.48 -10.47 15.27
C ASN C 145 -5.81 -11.41 14.11
N LEU C 146 -6.11 -12.67 14.39
CA LEU C 146 -6.55 -13.63 13.40
C LEU C 146 -7.98 -14.01 13.74
N LEU C 147 -8.93 -13.33 13.11
CA LEU C 147 -10.33 -13.48 13.48
C LEU C 147 -10.98 -14.63 12.73
N LEU C 148 -11.96 -15.26 13.37
CA LEU C 148 -12.73 -16.34 12.78
C LEU C 148 -14.19 -15.94 12.71
N ASP C 149 -14.82 -16.17 11.57
CA ASP C 149 -16.24 -15.91 11.43
C ASP C 149 -17.04 -17.18 11.70
N GLU C 150 -18.36 -17.09 11.54
CA GLU C 150 -19.23 -18.23 11.82
C GLU C 150 -19.06 -19.37 10.83
N ASN C 151 -18.38 -19.14 9.71
CA ASN C 151 -18.15 -20.18 8.71
C ASN C 151 -16.76 -20.78 8.82
N GLY C 152 -16.01 -20.47 9.87
CA GLY C 152 -14.69 -21.03 10.04
C GLY C 152 -13.63 -20.48 9.11
N VAL C 153 -13.84 -19.29 8.57
CA VAL C 153 -12.88 -18.66 7.67
C VAL C 153 -12.02 -17.72 8.49
N LEU C 154 -10.71 -17.96 8.50
CA LEU C 154 -9.78 -17.11 9.23
C LEU C 154 -9.39 -15.92 8.37
N LYS C 155 -9.45 -14.73 8.97
CA LYS C 155 -9.06 -13.50 8.28
C LYS C 155 -8.08 -12.73 9.15
N LEU C 156 -7.02 -12.24 8.54
CA LEU C 156 -6.15 -11.28 9.20
C LEU C 156 -6.89 -9.97 9.40
N ALA C 157 -6.74 -9.38 10.57
CA ALA C 157 -7.41 -8.14 10.90
C ALA C 157 -6.43 -7.22 11.63
N ASP C 158 -6.93 -6.06 12.05
CA ASP C 158 -6.14 -5.06 12.76
C ASP C 158 -4.93 -4.65 11.92
N PHE C 159 -5.23 -4.03 10.77
CA PHE C 159 -4.20 -3.54 9.86
C PHE C 159 -3.68 -2.16 10.24
N GLY C 160 -3.87 -1.74 11.49
CA GLY C 160 -3.42 -0.44 11.93
C GLY C 160 -1.91 -0.29 11.99
N LEU C 161 -1.18 -1.40 12.01
CA LEU C 161 0.27 -1.39 11.95
C LEU C 161 0.81 -1.85 10.62
N ALA C 162 -0.06 -2.33 9.72
CA ALA C 162 0.39 -2.84 8.44
C ALA C 162 1.00 -1.74 7.60
N LYS C 163 2.02 -2.10 6.81
CA LYS C 163 2.76 -1.13 6.01
C LYS C 163 3.24 -1.80 4.74
N SER C 164 3.44 -0.99 3.69
CA SER C 164 3.96 -1.49 2.43
C SER C 164 5.47 -1.60 2.50
N PHE C 165 6.01 -2.69 1.98
CA PHE C 165 7.44 -2.95 2.00
C PHE C 165 7.97 -3.14 0.59
N GLY C 166 9.30 -3.21 0.49
CA GLY C 166 9.99 -3.36 -0.78
C GLY C 166 10.60 -2.10 -1.32
N SER C 167 10.28 -0.94 -0.74
CA SER C 167 10.88 0.31 -1.20
C SER C 167 12.24 0.51 -0.52
N PRO C 168 13.22 1.05 -1.24
CA PRO C 168 14.57 1.18 -0.69
C PRO C 168 14.79 2.41 0.18
N ASN C 169 13.74 3.15 0.53
CA ASN C 169 13.90 4.32 1.39
C ASN C 169 12.87 4.42 2.51
N ARG C 170 11.78 3.64 2.48
CA ARG C 170 10.75 3.72 3.51
C ARG C 170 11.27 3.05 4.78
N ALA C 171 12.04 3.81 5.55
CA ALA C 171 12.62 3.30 6.78
C ALA C 171 11.52 3.15 7.84
N TYR C 172 11.36 1.93 8.34
CA TYR C 172 10.31 1.64 9.31
C TYR C 172 10.89 1.71 10.72
N THR C 173 10.12 1.29 11.71
CA THR C 173 10.56 1.23 13.08
C THR C 173 10.60 -0.22 13.54
N HIS C 174 11.55 -0.53 14.43
CA HIS C 174 11.67 -1.88 14.96
C HIS C 174 10.71 -2.15 16.11
N GLN C 175 9.99 -1.13 16.58
CA GLN C 175 8.99 -1.31 17.64
C GLN C 175 7.63 -1.70 17.06
N VAL C 176 7.64 -2.74 16.24
CA VAL C 176 6.43 -3.30 15.68
C VAL C 176 6.32 -4.75 16.15
N VAL C 177 5.10 -5.30 16.02
CA VAL C 177 4.76 -6.65 16.46
C VAL C 177 4.78 -6.70 17.99
N THR C 178 3.77 -7.36 18.57
CA THR C 178 3.79 -7.61 20.01
C THR C 178 5.03 -8.39 20.39
N ARG C 179 5.54 -8.13 21.60
CA ARG C 179 6.87 -8.61 21.97
C ARG C 179 6.98 -10.13 21.90
N TRP C 180 5.95 -10.84 22.36
CA TRP C 180 6.00 -12.31 22.37
C TRP C 180 6.08 -12.90 20.98
N TYR C 181 5.75 -12.11 19.94
CA TYR C 181 5.76 -12.57 18.57
C TYR C 181 6.74 -11.78 17.71
N ARG C 182 7.53 -10.92 18.32
CA ARG C 182 8.50 -10.11 17.58
C ARG C 182 9.67 -10.97 17.13
N ALA C 183 10.11 -10.74 15.88
CA ALA C 183 11.22 -11.49 15.33
C ALA C 183 12.54 -11.01 15.94
N PRO C 184 13.54 -11.88 16.00
CA PRO C 184 14.84 -11.47 16.57
C PRO C 184 15.49 -10.32 15.84
N GLU C 185 15.31 -10.21 14.52
CA GLU C 185 15.90 -9.07 13.81
C GLU C 185 15.26 -7.75 14.22
N LEU C 186 13.95 -7.77 14.51
CA LEU C 186 13.30 -6.58 15.05
C LEU C 186 13.83 -6.24 16.43
N LEU C 187 13.99 -7.26 17.29
CA LEU C 187 14.51 -7.04 18.63
C LEU C 187 15.94 -6.52 18.62
N PHE C 188 16.68 -6.77 17.53
CA PHE C 188 18.01 -6.21 17.37
C PHE C 188 18.00 -4.86 16.67
N GLY C 189 16.82 -4.30 16.42
CA GLY C 189 16.72 -2.96 15.87
C GLY C 189 16.77 -2.87 14.36
N ALA C 190 16.26 -3.86 13.64
CA ALA C 190 16.25 -3.80 12.18
C ALA C 190 15.29 -2.72 11.71
N ARG C 191 15.81 -1.77 10.93
CA ARG C 191 14.96 -0.78 10.27
C ARG C 191 14.31 -1.38 9.02
N MET C 192 15.14 -1.86 8.10
CA MET C 192 14.68 -2.50 6.88
C MET C 192 14.46 -3.99 7.15
N TYR C 193 13.30 -4.49 6.73
CA TYR C 193 12.99 -5.91 6.87
C TYR C 193 11.96 -6.28 5.83
N GLY C 194 11.66 -7.58 5.75
CA GLY C 194 10.74 -8.12 4.78
C GLY C 194 9.67 -8.95 5.45
N VAL C 195 9.20 -9.96 4.70
CA VAL C 195 8.14 -10.84 5.19
C VAL C 195 8.57 -11.68 6.39
N GLY C 196 9.87 -11.69 6.71
CA GLY C 196 10.34 -12.45 7.85
C GLY C 196 9.72 -12.02 9.17
N VAL C 197 9.39 -10.74 9.30
CA VAL C 197 8.76 -10.27 10.53
C VAL C 197 7.36 -10.86 10.69
N ASP C 198 6.64 -11.05 9.58
CA ASP C 198 5.35 -11.73 9.65
C ASP C 198 5.54 -13.24 9.79
N MET C 199 6.56 -13.80 9.13
CA MET C 199 6.76 -15.24 9.17
C MET C 199 7.16 -15.71 10.56
N TRP C 200 7.99 -14.94 11.27
CA TRP C 200 8.34 -15.30 12.64
C TRP C 200 7.12 -15.25 13.54
N ALA C 201 6.28 -14.23 13.38
CA ALA C 201 5.04 -14.18 14.14
C ALA C 201 4.15 -15.37 13.84
N VAL C 202 4.14 -15.81 12.58
CA VAL C 202 3.38 -17.00 12.21
C VAL C 202 3.95 -18.23 12.91
N GLY C 203 5.28 -18.34 12.98
CA GLY C 203 5.89 -19.43 13.70
C GLY C 203 5.52 -19.41 15.18
N CYS C 204 5.53 -18.23 15.79
CA CYS C 204 5.13 -18.12 17.19
C CYS C 204 3.67 -18.49 17.39
N ILE C 205 2.81 -18.11 16.44
CA ILE C 205 1.40 -18.47 16.52
C ILE C 205 1.23 -19.98 16.41
N LEU C 206 2.00 -20.61 15.53
CA LEU C 206 1.97 -22.07 15.41
C LEU C 206 2.45 -22.74 16.69
N ALA C 207 3.51 -22.21 17.30
CA ALA C 207 4.00 -22.75 18.57
C ALA C 207 2.96 -22.59 19.66
N GLU C 208 2.28 -21.44 19.71
CA GLU C 208 1.20 -21.25 20.67
C GLU C 208 0.05 -22.21 20.42
N LEU C 209 -0.26 -22.48 19.15
CA LEU C 209 -1.31 -23.44 18.83
C LEU C 209 -0.94 -24.83 19.31
N LEU C 210 0.33 -25.21 19.16
CA LEU C 210 0.76 -26.55 19.57
C LEU C 210 0.82 -26.68 21.08
N LEU C 211 1.31 -25.64 21.78
CA LEU C 211 1.53 -25.70 23.21
C LEU C 211 0.41 -25.12 24.05
N ARG C 212 -0.56 -24.44 23.42
CA ARG C 212 -1.68 -23.77 24.07
C ARG C 212 -1.24 -22.65 25.01
N VAL C 213 0.04 -22.31 25.01
CA VAL C 213 0.56 -21.18 25.79
C VAL C 213 1.53 -20.41 24.91
N PRO C 214 1.73 -19.12 25.22
CA PRO C 214 2.69 -18.33 24.43
C PRO C 214 4.07 -18.97 24.44
N PHE C 215 4.70 -18.99 23.27
CA PHE C 215 5.96 -19.70 23.10
C PHE C 215 7.09 -18.98 23.84
N LEU C 216 7.23 -17.67 23.63
CA LEU C 216 8.35 -16.89 24.14
C LEU C 216 7.79 -15.70 24.90
N PRO C 217 7.28 -15.91 26.11
CA PRO C 217 6.63 -14.83 26.88
C PRO C 217 7.63 -13.98 27.67
N GLY C 218 8.33 -13.10 26.97
CA GLY C 218 9.25 -12.20 27.62
C GLY C 218 8.55 -11.05 28.31
N ASP C 219 9.25 -10.46 29.29
CA ASP C 219 8.77 -9.28 29.98
C ASP C 219 9.48 -8.01 29.54
N SER C 220 10.49 -8.13 28.68
CA SER C 220 11.20 -6.99 28.11
C SER C 220 11.85 -7.46 26.82
N ASP C 221 12.37 -6.50 26.06
CA ASP C 221 13.07 -6.85 24.82
C ASP C 221 14.27 -7.74 25.09
N LEU C 222 15.05 -7.40 26.12
CA LEU C 222 16.19 -8.23 26.50
C LEU C 222 15.73 -9.61 26.93
N ASP C 223 14.66 -9.69 27.72
CA ASP C 223 14.15 -10.99 28.14
C ASP C 223 13.55 -11.76 26.97
N GLN C 224 12.93 -11.07 26.01
CA GLN C 224 12.45 -11.74 24.81
C GLN C 224 13.60 -12.38 24.03
N LEU C 225 14.67 -11.62 23.83
CA LEU C 225 15.85 -12.16 23.14
C LEU C 225 16.46 -13.32 23.93
N THR C 226 16.51 -13.18 25.26
CA THR C 226 17.06 -14.25 26.09
C THR C 226 16.24 -15.53 25.98
N ARG C 227 14.91 -15.41 25.99
CA ARG C 227 14.06 -16.59 25.83
C ARG C 227 14.24 -17.20 24.45
N ILE C 228 14.33 -16.35 23.42
CA ILE C 228 14.52 -16.85 22.05
C ILE C 228 15.81 -17.67 21.97
N PHE C 229 16.90 -17.14 22.52
CA PHE C 229 18.18 -17.83 22.43
C PHE C 229 18.24 -19.04 23.36
N GLU C 230 17.53 -19.00 24.49
CA GLU C 230 17.48 -20.16 25.37
C GLU C 230 16.73 -21.31 24.73
N THR C 231 15.65 -21.01 24.00
CA THR C 231 14.84 -22.07 23.42
C THR C 231 15.43 -22.58 22.10
N LEU C 232 15.88 -21.67 21.24
CA LEU C 232 16.33 -22.03 19.90
C LEU C 232 17.85 -21.99 19.74
N GLY C 233 18.60 -21.72 20.81
CA GLY C 233 20.04 -21.64 20.70
C GLY C 233 20.52 -20.29 20.22
N THR C 234 21.67 -19.85 20.70
CA THR C 234 22.23 -18.58 20.27
C THR C 234 22.73 -18.70 18.84
N PRO C 235 22.21 -17.91 17.90
CA PRO C 235 22.67 -18.02 16.52
C PRO C 235 24.08 -17.46 16.35
N THR C 236 24.80 -18.05 15.39
CA THR C 236 26.12 -17.59 15.00
C THR C 236 26.06 -17.06 13.57
N GLU C 237 27.24 -16.69 13.05
CA GLU C 237 27.31 -16.20 11.68
C GLU C 237 27.00 -17.28 10.66
N GLU C 238 27.06 -18.55 11.06
CA GLU C 238 26.63 -19.63 10.17
C GLU C 238 25.15 -19.48 9.83
N GLN C 239 24.32 -19.20 10.83
CA GLN C 239 22.89 -19.08 10.63
C GLN C 239 22.41 -17.63 10.46
N TRP C 240 23.28 -16.65 10.66
CA TRP C 240 22.90 -15.24 10.57
C TRP C 240 24.14 -14.45 10.23
N PRO C 241 24.49 -14.37 8.94
CA PRO C 241 25.81 -13.84 8.56
C PRO C 241 26.09 -12.41 9.01
N ASP C 242 25.08 -11.55 9.04
CA ASP C 242 25.30 -10.13 9.35
C ASP C 242 24.58 -9.70 10.62
N MET C 243 24.38 -10.62 11.56
CA MET C 243 23.68 -10.29 12.80
C MET C 243 24.36 -9.17 13.57
N CYS C 244 25.69 -9.05 13.46
CA CYS C 244 26.41 -8.03 14.20
C CYS C 244 26.21 -6.62 13.63
N SER C 245 25.68 -6.50 12.43
CA SER C 245 25.48 -5.19 11.83
C SER C 245 24.21 -4.49 12.31
N LEU C 246 23.30 -5.23 12.95
CA LEU C 246 22.07 -4.62 13.43
C LEU C 246 22.38 -3.64 14.57
N PRO C 247 21.81 -2.44 14.58
CA PRO C 247 22.28 -1.40 15.49
C PRO C 247 22.17 -1.74 16.97
N ASP C 248 21.12 -2.48 17.37
CA ASP C 248 20.91 -2.84 18.76
C ASP C 248 21.31 -4.29 19.04
N TYR C 249 22.24 -4.85 18.27
CA TYR C 249 22.70 -6.20 18.52
C TYR C 249 23.57 -6.23 19.77
N VAL C 250 23.34 -7.21 20.63
CA VAL C 250 24.12 -7.42 21.84
C VAL C 250 24.49 -8.89 21.93
N THR C 251 25.75 -9.17 22.23
CA THR C 251 26.21 -10.55 22.31
C THR C 251 25.60 -11.24 23.53
N PHE C 252 25.01 -12.40 23.31
CA PHE C 252 24.40 -13.18 24.36
C PHE C 252 25.30 -14.37 24.74
N LYS C 253 24.95 -15.01 25.85
CA LYS C 253 25.59 -16.26 26.21
C LYS C 253 25.20 -17.34 25.22
N SER C 254 26.11 -18.30 25.01
CA SER C 254 25.89 -19.34 24.00
C SER C 254 25.06 -20.46 24.62
N PHE C 255 23.79 -20.52 24.23
CA PHE C 255 22.96 -21.62 24.70
C PHE C 255 22.90 -22.72 23.64
N PRO C 256 22.74 -23.98 24.05
CA PRO C 256 22.61 -25.05 23.06
C PRO C 256 21.26 -25.05 22.36
N GLY C 257 20.22 -24.57 23.02
CA GLY C 257 18.89 -24.55 22.45
C GLY C 257 18.20 -25.88 22.60
N ILE C 258 16.95 -25.86 23.07
CA ILE C 258 16.21 -27.12 23.21
C ILE C 258 15.81 -27.62 21.83
N PRO C 259 16.13 -28.87 21.47
CA PRO C 259 15.80 -29.35 20.13
C PRO C 259 14.30 -29.33 19.88
N LEU C 260 13.94 -29.10 18.60
CA LEU C 260 12.55 -28.86 18.24
C LEU C 260 11.65 -30.01 18.65
N HIS C 261 12.12 -31.25 18.45
CA HIS C 261 11.30 -32.40 18.81
C HIS C 261 11.13 -32.54 20.33
N HIS C 262 12.02 -31.94 21.12
CA HIS C 262 11.80 -31.88 22.57
C HIS C 262 10.66 -30.95 22.90
N ILE C 263 10.66 -29.74 22.32
CA ILE C 263 9.63 -28.75 22.61
C ILE C 263 8.26 -29.26 22.18
N PHE C 264 8.18 -29.81 20.97
CA PHE C 264 6.93 -30.25 20.38
C PHE C 264 6.99 -31.78 20.26
N SER C 265 6.60 -32.46 21.33
CA SER C 265 6.64 -33.92 21.37
C SER C 265 5.53 -34.59 20.57
N ALA C 266 4.49 -33.84 20.18
CA ALA C 266 3.38 -34.37 19.41
C ALA C 266 3.40 -33.89 17.97
N ALA C 267 4.56 -33.49 17.46
CA ALA C 267 4.69 -32.95 16.12
C ALA C 267 5.45 -33.92 15.24
N GLY C 268 4.93 -34.16 14.04
CA GLY C 268 5.61 -35.00 13.07
C GLY C 268 6.79 -34.30 12.44
N ASP C 269 7.51 -35.05 11.60
CA ASP C 269 8.71 -34.52 10.97
C ASP C 269 8.39 -33.35 10.03
N ASP C 270 7.28 -33.45 9.30
CA ASP C 270 6.91 -32.35 8.40
C ASP C 270 6.58 -31.07 9.17
N LEU C 271 5.82 -31.21 10.26
CA LEU C 271 5.51 -30.05 11.09
C LEU C 271 6.77 -29.47 11.71
N LEU C 272 7.70 -30.32 12.15
CA LEU C 272 8.95 -29.83 12.69
C LEU C 272 9.77 -29.09 11.64
N ASP C 273 9.75 -29.59 10.39
CA ASP C 273 10.43 -28.90 9.31
C ASP C 273 9.80 -27.52 9.06
N LEU C 274 8.47 -27.45 9.07
CA LEU C 274 7.80 -26.16 8.91
C LEU C 274 8.18 -25.21 10.05
N ILE C 275 8.20 -25.71 11.28
CA ILE C 275 8.54 -24.88 12.43
C ILE C 275 9.97 -24.36 12.30
N GLN C 276 10.90 -25.24 11.92
CA GLN C 276 12.29 -24.82 11.75
C GLN C 276 12.41 -23.76 10.66
N GLY C 277 11.71 -23.95 9.55
CA GLY C 277 11.71 -22.94 8.51
C GLY C 277 11.17 -21.61 8.99
N LEU C 278 10.11 -21.63 9.80
CA LEU C 278 9.54 -20.39 10.30
C LEU C 278 10.41 -19.74 11.37
N PHE C 279 11.24 -20.53 12.06
CA PHE C 279 12.05 -20.03 13.16
C PHE C 279 13.53 -19.91 12.81
N LEU C 280 13.89 -19.99 11.53
CA LEU C 280 15.26 -19.73 11.13
C LEU C 280 15.65 -18.31 11.52
N PHE C 281 16.85 -18.17 12.09
CA PHE C 281 17.29 -16.86 12.56
C PHE C 281 17.54 -15.89 11.40
N ASN C 282 18.05 -16.40 10.28
CA ASN C 282 18.25 -15.55 9.12
C ASN C 282 16.91 -15.17 8.53
N PRO C 283 16.56 -13.88 8.48
CA PRO C 283 15.27 -13.51 7.87
C PRO C 283 15.18 -13.86 6.41
N CYS C 284 16.28 -13.74 5.67
CA CYS C 284 16.29 -14.13 4.26
C CYS C 284 16.06 -15.63 4.11
N ALA C 285 16.73 -16.44 4.92
CA ALA C 285 16.56 -17.89 4.86
C ALA C 285 15.23 -18.33 5.45
N ARG C 286 14.61 -17.52 6.31
CA ARG C 286 13.30 -17.85 6.85
C ARG C 286 12.30 -18.04 5.71
N ILE C 287 11.49 -19.08 5.81
CA ILE C 287 10.60 -19.44 4.72
C ILE C 287 9.53 -18.37 4.52
N THR C 288 9.23 -18.08 3.26
CA THR C 288 8.16 -17.16 2.93
C THR C 288 6.81 -17.88 3.04
N ALA C 289 5.73 -17.10 2.89
CA ALA C 289 4.39 -17.69 2.91
C ALA C 289 4.21 -18.68 1.77
N THR C 290 4.69 -18.32 0.56
CA THR C 290 4.58 -19.22 -0.58
C THR C 290 5.37 -20.50 -0.35
N GLN C 291 6.62 -20.38 0.13
CA GLN C 291 7.42 -21.56 0.40
C GLN C 291 6.82 -22.40 1.50
N ALA C 292 6.27 -21.75 2.53
CA ALA C 292 5.61 -22.49 3.60
C ALA C 292 4.41 -23.26 3.08
N LEU C 293 3.62 -22.64 2.19
CA LEU C 293 2.44 -23.31 1.64
C LEU C 293 2.83 -24.51 0.77
N LYS C 294 3.99 -24.45 0.12
CA LYS C 294 4.47 -25.55 -0.71
C LYS C 294 5.09 -26.68 0.11
N MET C 295 5.24 -26.52 1.41
CA MET C 295 5.89 -27.53 2.24
C MET C 295 5.04 -28.79 2.31
N LYS C 296 5.72 -29.91 2.57
CA LYS C 296 5.04 -31.21 2.60
C LYS C 296 4.00 -31.28 3.71
N TYR C 297 4.19 -30.51 4.78
CA TYR C 297 3.26 -30.57 5.92
C TYR C 297 1.84 -30.29 5.48
N PHE C 298 1.63 -29.31 4.61
CA PHE C 298 0.28 -28.95 4.20
C PHE C 298 -0.32 -29.95 3.21
N SER C 299 0.51 -30.56 2.37
CA SER C 299 0.01 -31.55 1.42
C SER C 299 -0.06 -32.96 2.01
N ASN C 300 0.51 -33.18 3.19
CA ASN C 300 0.54 -34.51 3.80
C ASN C 300 -0.80 -34.84 4.47
N ARG C 301 -0.97 -36.11 4.78
CA ARG C 301 -2.06 -36.54 5.63
C ARG C 301 -1.82 -36.06 7.06
N PRO C 302 -2.88 -35.68 7.80
CA PRO C 302 -4.27 -35.51 7.36
C PRO C 302 -4.46 -34.16 6.69
N GLY C 303 -5.55 -33.95 5.96
CA GLY C 303 -5.80 -32.69 5.31
C GLY C 303 -6.32 -31.67 6.29
N PRO C 304 -6.26 -30.38 5.91
CA PRO C 304 -6.79 -29.34 6.79
C PRO C 304 -8.28 -29.52 7.04
N THR C 305 -8.69 -29.24 8.27
CA THR C 305 -10.10 -29.36 8.63
C THR C 305 -10.91 -28.31 7.88
N PRO C 306 -12.04 -28.67 7.27
CA PRO C 306 -12.87 -27.66 6.59
C PRO C 306 -13.38 -26.63 7.58
N GLY C 307 -13.57 -25.40 7.09
CA GLY C 307 -13.90 -24.29 7.97
C GLY C 307 -15.15 -24.52 8.79
N CYS C 308 -16.17 -25.14 8.18
CA CYS C 308 -17.42 -25.39 8.89
C CYS C 308 -17.26 -26.41 10.02
N GLN C 309 -16.17 -27.17 10.04
CA GLN C 309 -15.95 -28.18 11.06
C GLN C 309 -14.95 -27.74 12.13
N LEU C 310 -14.39 -26.55 12.01
CA LEU C 310 -13.46 -26.05 13.02
C LEU C 310 -14.22 -25.82 14.34
N PRO C 311 -13.53 -25.96 15.47
CA PRO C 311 -14.22 -25.80 16.76
C PRO C 311 -14.48 -24.34 17.09
N ARG C 312 -15.64 -24.08 17.69
CA ARG C 312 -16.04 -22.74 18.06
C ARG C 312 -16.03 -22.59 19.57
N PRO C 313 -15.25 -21.66 20.13
CA PRO C 313 -15.19 -21.45 21.58
C PRO C 313 -16.46 -20.76 22.11
#